data_8VT5
#
_entry.id   8VT5
#
_cell.length_a   48.779
_cell.length_b   48.779
_cell.length_c   288.169
_cell.angle_alpha   90.00
_cell.angle_beta   90.00
_cell.angle_gamma   120.00
#
_symmetry.space_group_name_H-M   'P 61 2 2'
#
loop_
_entity.id
_entity.type
_entity.pdbx_description
1 polymer menRNA
2 water water
#
_entity_poly.entity_id   1
_entity_poly.type   'polyribonucleotide'
_entity_poly.pdbx_seq_one_letter_code
;(GTP)GGCGCUGGUGGUGGCACGUCCAGCACGGCUGGGCCGGGGUUCGAGUCCCCGCAGUGUUC
;
_entity_poly.pdbx_strand_id   A
#
loop_
_chem_comp.id
_chem_comp.type
_chem_comp.name
_chem_comp.formula
A RNA linking ADENOSINE-5'-MONOPHOSPHATE 'C10 H14 N5 O7 P'
C RNA linking CYTIDINE-5'-MONOPHOSPHATE 'C9 H14 N3 O8 P'
G RNA linking GUANOSINE-5'-MONOPHOSPHATE 'C10 H14 N5 O8 P'
GTP non-polymer GUANOSINE-5'-TRIPHOSPHATE 'C10 H16 N5 O14 P3'
U RNA linking URIDINE-5'-MONOPHOSPHATE 'C9 H13 N2 O9 P'
#
# COMPACT_ATOMS: atom_id res chain seq x y z
PG GTP A 1 -3.37 0.24 -4.67
O1G GTP A 1 -3.45 0.72 -6.10
O2G GTP A 1 -2.43 -0.94 -4.49
O3G GTP A 1 -4.74 -0.03 -4.07
O3B GTP A 1 -2.77 1.48 -3.81
PB GTP A 1 -1.49 2.46 -3.91
O1B GTP A 1 -1.37 2.94 -5.32
O2B GTP A 1 -1.57 3.47 -2.81
O3A GTP A 1 -0.29 1.45 -3.60
PA GTP A 1 0.17 0.38 -2.49
O1A GTP A 1 -0.84 -0.71 -2.40
O2A GTP A 1 1.59 -0.02 -2.81
O5' GTP A 1 0.15 1.23 -1.12
C5' GTP A 1 -1.11 1.64 -0.54
C4' GTP A 1 -1.01 1.61 0.96
O4' GTP A 1 -1.34 0.28 1.46
C3' GTP A 1 0.35 1.92 1.59
O3' GTP A 1 0.62 3.31 1.64
C2' GTP A 1 0.17 1.29 2.97
O2' GTP A 1 -0.69 2.07 3.77
C1' GTP A 1 -0.50 -0.03 2.56
N9 GTP A 1 0.44 -1.06 2.17
C8 GTP A 1 0.59 -1.64 0.94
N7 GTP A 1 1.57 -2.52 0.89
C5 GTP A 1 2.10 -2.51 2.17
C6 GTP A 1 3.17 -3.26 2.71
O6 GTP A 1 3.89 -4.09 2.15
N1 GTP A 1 3.39 -2.93 4.06
C2 GTP A 1 2.67 -2.00 4.78
N2 GTP A 1 3.02 -1.84 6.06
N3 GTP A 1 1.66 -1.31 4.27
C4 GTP A 1 1.43 -1.61 2.97
#